data_3VVR
#
_entry.id   3VVR
#
_cell.length_a   158.521
_cell.length_b   59.599
_cell.length_c   68.335
_cell.angle_alpha   90.000
_cell.angle_beta   90.990
_cell.angle_gamma   90.000
#
_symmetry.space_group_name_H-M   'C 1 2 1'
#
loop_
_entity.id
_entity.type
_entity.pdbx_description
1 polymer 'Putative uncharacterized protein'
2 polymer 'macrocyclic peptide'
3 non-polymer '(2R)-2,3-dihydroxypropyl (9Z)-octadec-9-enoate'
4 water water
#
loop_
_entity_poly.entity_id
_entity_poly.type
_entity_poly.pdbx_seq_one_letter_code
_entity_poly.pdbx_strand_id
1 'polypeptide(L)'
;MSEKTTKGVQLLRGDPKKAIVRLSIPMMIGMSVQTLYNLADGIWVSGLGPESLAAVGLFFPVFMGIIALAAGLGVGTSSA
IARRIGARDKEGADNVAVHSLILSLILGVTITITMLPAIDSLFRSMGAKGEAVELAIEYARVLLAGAFIIVFNNVGNGIL
RGEGDANRAMLAMVLGSGLNIVLDPIFIYTLGFGVVGAAYATLLSMVVTSLFIAYWLFVKRDTYVDITLRDFSPSREILK
DILRVGLPSSLSQLSMSIAMFFLNSVAITAGGENGVAVFTSAWRITMLGIVPILGMAAATTSVTGAAYGERNVEKLETAY
LYAIKIAFMIELAVVAFIMLFAPQVAYLFTYSESAQVIKGDLISALRTLPVFLVLTPFGMMTSAMFQGIGEGEKSLILTI
FRTLVMQVGFAYIFVHYTTLGLRGVWIGIVIGNMVAAIVGFLWGRMRISALKKTSATGGKR
;
A
2 'polypeptide(L)' (ACE)(DPN)VYSAVCAAAA B
#
# COMPACT_ATOMS: atom_id res chain seq x y z
N LYS A 4 11.19 23.31 19.68
CA LYS A 4 11.21 22.70 18.36
C LYS A 4 11.20 21.18 18.44
N THR A 5 10.20 20.63 19.11
CA THR A 5 10.09 19.19 19.26
C THR A 5 8.64 18.77 19.51
N THR A 6 8.04 18.11 18.52
CA THR A 6 6.65 17.69 18.63
C THR A 6 6.49 16.35 19.35
N LYS A 7 5.25 15.95 19.57
CA LYS A 7 4.95 14.71 20.28
C LYS A 7 5.45 13.49 19.52
N GLY A 8 5.24 13.49 18.22
CA GLY A 8 5.65 12.38 17.36
C GLY A 8 7.14 12.14 17.38
N VAL A 9 7.90 13.21 17.54
CA VAL A 9 9.35 13.13 17.57
C VAL A 9 9.81 12.46 18.86
N GLN A 10 9.13 12.76 19.95
CA GLN A 10 9.44 12.19 21.26
C GLN A 10 9.07 10.71 21.33
N LEU A 11 8.06 10.33 20.56
CA LEU A 11 7.72 8.92 20.42
C LEU A 11 8.83 8.23 19.64
N LEU A 12 9.17 8.82 18.50
CA LEU A 12 10.21 8.29 17.62
C LEU A 12 11.54 8.20 18.36
N ARG A 13 11.92 9.28 19.01
CA ARG A 13 13.13 9.32 19.84
C ARG A 13 12.87 8.80 21.25
N GLY A 14 12.24 7.64 21.36
CA GLY A 14 11.95 7.07 22.66
C GLY A 14 11.98 5.54 22.65
N ASP A 15 11.24 4.95 23.57
CA ASP A 15 11.12 3.49 23.65
C ASP A 15 10.54 2.93 22.36
N PRO A 16 11.30 2.04 21.68
CA PRO A 16 10.90 1.48 20.39
C PRO A 16 9.60 0.69 20.47
N LYS A 17 9.35 0.03 21.59
CA LYS A 17 8.12 -0.73 21.78
C LYS A 17 6.91 0.19 21.84
N LYS A 18 7.07 1.32 22.52
CA LYS A 18 6.02 2.31 22.62
C LYS A 18 5.78 2.97 21.27
N ALA A 19 6.86 3.12 20.50
CA ALA A 19 6.79 3.77 19.20
C ALA A 19 6.11 2.89 18.15
N ILE A 20 6.41 1.60 18.19
CA ILE A 20 5.80 0.63 17.26
C ILE A 20 4.28 0.63 17.37
N VAL A 21 3.77 0.61 18.60
CA VAL A 21 2.34 0.50 18.82
C VAL A 21 1.59 1.79 18.53
N ARG A 22 1.99 2.87 19.19
CA ARG A 22 1.27 4.13 19.11
C ARG A 22 1.36 4.81 17.74
N LEU A 23 2.18 4.27 16.84
CA LEU A 23 2.20 4.73 15.47
C LEU A 23 1.42 3.79 14.56
N SER A 24 1.47 2.50 14.85
CA SER A 24 0.83 1.49 14.01
C SER A 24 -0.69 1.55 14.05
N ILE A 25 -1.25 1.68 15.25
CA ILE A 25 -2.70 1.71 15.44
C ILE A 25 -3.42 2.76 14.57
N PRO A 26 -2.98 4.03 14.60
CA PRO A 26 -3.69 4.97 13.74
C PRO A 26 -3.44 4.71 12.27
N MET A 27 -2.34 4.02 11.94
CA MET A 27 -2.06 3.66 10.56
C MET A 27 -2.98 2.53 10.11
N MET A 28 -3.04 1.46 10.90
CA MET A 28 -3.96 0.35 10.63
C MET A 28 -5.40 0.83 10.49
N ILE A 29 -5.77 1.79 11.34
CA ILE A 29 -7.08 2.43 11.25
C ILE A 29 -7.25 3.09 9.89
N GLY A 30 -6.34 4.01 9.58
CA GLY A 30 -6.35 4.70 8.29
C GLY A 30 -6.33 3.77 7.10
N MET A 31 -5.50 2.74 7.14
CA MET A 31 -5.43 1.76 6.04
C MET A 31 -6.76 1.03 5.91
N SER A 32 -7.42 0.78 7.04
CA SER A 32 -8.65 -0.01 7.04
C SER A 32 -9.87 0.80 6.59
N VAL A 33 -9.98 2.04 7.05
CA VAL A 33 -11.10 2.90 6.70
C VAL A 33 -11.15 3.14 5.19
N GLN A 34 -9.99 3.14 4.54
CA GLN A 34 -9.93 3.31 3.10
C GLN A 34 -10.33 2.04 2.37
N THR A 35 -10.09 0.89 3.00
CA THR A 35 -10.53 -0.38 2.44
C THR A 35 -12.05 -0.45 2.50
N LEU A 36 -12.63 0.14 3.54
CA LEU A 36 -14.09 0.25 3.65
C LEU A 36 -14.67 0.98 2.46
N TYR A 37 -13.93 1.96 1.93
CA TYR A 37 -14.36 2.66 0.74
C TYR A 37 -14.42 1.73 -0.47
N ASN A 38 -13.36 0.96 -0.67
CA ASN A 38 -13.27 0.02 -1.80
C ASN A 38 -14.43 -0.96 -1.83
N LEU A 39 -14.96 -1.28 -0.65
CA LEU A 39 -16.12 -2.16 -0.54
C LEU A 39 -17.39 -1.40 -0.91
N ALA A 40 -17.48 -0.13 -0.51
CA ALA A 40 -18.62 0.70 -0.87
C ALA A 40 -18.64 0.91 -2.38
N ASP A 41 -17.57 1.50 -2.91
CA ASP A 41 -17.46 1.75 -4.34
C ASP A 41 -17.53 0.44 -5.13
N GLY A 42 -17.19 -0.66 -4.44
CA GLY A 42 -17.31 -1.99 -5.02
C GLY A 42 -18.74 -2.46 -5.20
N ILE A 43 -19.64 -2.02 -4.33
CA ILE A 43 -21.04 -2.46 -4.40
C ILE A 43 -21.96 -1.49 -5.16
N TRP A 44 -21.55 -0.22 -5.23
CA TRP A 44 -22.31 0.76 -6.00
C TRP A 44 -22.11 0.54 -7.49
N VAL A 45 -20.85 0.32 -7.87
CA VAL A 45 -20.48 0.13 -9.27
C VAL A 45 -21.04 -1.17 -9.83
N SER A 46 -21.16 -2.17 -8.95
CA SER A 46 -21.65 -3.49 -9.35
C SER A 46 -23.05 -3.43 -9.97
N GLY A 47 -23.94 -2.68 -9.34
CA GLY A 47 -25.33 -2.60 -9.77
C GLY A 47 -25.53 -1.78 -11.03
N LEU A 48 -24.52 -1.00 -11.41
CA LEU A 48 -24.59 -0.13 -12.57
C LEU A 48 -24.74 -0.92 -13.87
N GLY A 49 -24.27 -2.17 -13.87
CA GLY A 49 -24.40 -3.01 -15.04
C GLY A 49 -23.08 -3.59 -15.52
N PRO A 50 -23.15 -4.49 -16.52
CA PRO A 50 -21.97 -5.15 -17.08
C PRO A 50 -21.06 -4.17 -17.82
N GLU A 51 -21.64 -3.17 -18.47
CA GLU A 51 -20.88 -2.23 -19.28
C GLU A 51 -20.03 -1.27 -18.43
N SER A 52 -20.47 -0.99 -17.21
CA SER A 52 -19.77 -0.05 -16.34
C SER A 52 -18.57 -0.68 -15.64
N LEU A 53 -18.68 -1.97 -15.33
CA LEU A 53 -17.59 -2.69 -14.68
C LEU A 53 -16.44 -2.94 -15.65
N ALA A 54 -16.75 -2.86 -16.94
CA ALA A 54 -15.73 -3.08 -17.97
C ALA A 54 -14.81 -1.86 -18.12
N ALA A 55 -15.29 -0.69 -17.72
CA ALA A 55 -14.48 0.52 -17.77
C ALA A 55 -13.59 0.62 -16.53
N VAL A 56 -14.11 0.14 -15.40
CA VAL A 56 -13.37 0.16 -14.14
C VAL A 56 -12.20 -0.82 -14.18
N GLY A 57 -12.50 -2.04 -14.62
CA GLY A 57 -11.49 -3.08 -14.72
C GLY A 57 -10.38 -2.75 -15.71
N LEU A 58 -10.71 -1.94 -16.71
CA LEU A 58 -9.71 -1.50 -17.67
C LEU A 58 -8.92 -0.32 -17.12
N PHE A 59 -9.51 0.40 -16.17
CA PHE A 59 -8.85 1.55 -15.54
C PHE A 59 -8.15 1.11 -14.26
N PHE A 60 -8.13 -0.18 -14.03
CA PHE A 60 -7.47 -0.76 -12.86
C PHE A 60 -5.93 -0.72 -12.95
N PRO A 61 -5.34 -1.13 -14.08
CA PRO A 61 -3.87 -1.08 -14.12
C PRO A 61 -3.31 0.33 -14.02
N VAL A 62 -3.98 1.30 -14.63
CA VAL A 62 -3.49 2.67 -14.61
C VAL A 62 -3.65 3.30 -13.24
N PHE A 63 -4.68 2.87 -12.51
CA PHE A 63 -4.89 3.37 -11.16
C PHE A 63 -3.86 2.78 -10.22
N MET A 64 -3.75 1.46 -10.22
CA MET A 64 -2.77 0.76 -9.39
C MET A 64 -1.35 1.17 -9.78
N GLY A 65 -1.19 1.58 -11.03
CA GLY A 65 0.11 2.02 -11.53
C GLY A 65 0.53 3.37 -10.96
N ILE A 66 -0.46 4.25 -10.75
CA ILE A 66 -0.16 5.58 -10.22
C ILE A 66 -0.46 5.67 -8.73
N ILE A 67 -0.93 4.57 -8.15
CA ILE A 67 -1.01 4.44 -6.70
C ILE A 67 0.33 3.97 -6.18
N ALA A 68 0.91 2.98 -6.86
CA ALA A 68 2.20 2.43 -6.49
C ALA A 68 3.30 3.48 -6.58
N LEU A 69 3.19 4.37 -7.56
CA LEU A 69 4.16 5.43 -7.74
C LEU A 69 4.05 6.47 -6.63
N ALA A 70 2.83 6.94 -6.39
CA ALA A 70 2.57 7.92 -5.35
C ALA A 70 2.95 7.39 -3.97
N ALA A 71 2.53 6.17 -3.67
CA ALA A 71 2.83 5.55 -2.38
C ALA A 71 4.32 5.29 -2.24
N GLY A 72 4.95 4.79 -3.30
CA GLY A 72 6.36 4.50 -3.30
C GLY A 72 7.21 5.72 -2.98
N LEU A 73 6.86 6.84 -3.60
CA LEU A 73 7.56 8.11 -3.35
C LEU A 73 7.36 8.55 -1.90
N GLY A 74 6.20 8.21 -1.34
CA GLY A 74 5.90 8.56 0.03
C GLY A 74 6.68 7.72 1.03
N VAL A 75 6.94 6.47 0.66
CA VAL A 75 7.72 5.57 1.51
C VAL A 75 9.16 6.06 1.62
N GLY A 76 9.73 6.47 0.50
CA GLY A 76 11.07 7.03 0.48
C GLY A 76 11.14 8.32 1.29
N THR A 77 10.07 9.11 1.21
CA THR A 77 9.99 10.36 1.97
C THR A 77 9.91 10.07 3.46
N SER A 78 9.00 9.16 3.82
CA SER A 78 8.81 8.76 5.21
C SER A 78 10.10 8.20 5.83
N SER A 79 10.82 7.40 5.06
CA SER A 79 12.03 6.77 5.56
C SER A 79 13.18 7.76 5.69
N ALA A 80 13.30 8.67 4.73
CA ALA A 80 14.40 9.64 4.71
C ALA A 80 14.30 10.64 5.85
N ILE A 81 13.10 11.16 6.09
CA ILE A 81 12.89 12.12 7.16
C ILE A 81 13.05 11.46 8.52
N ALA A 82 12.57 10.22 8.63
CA ALA A 82 12.70 9.46 9.88
C ALA A 82 14.16 9.23 10.25
N ARG A 83 14.99 8.87 9.26
CA ARG A 83 16.40 8.66 9.52
C ARG A 83 17.11 9.96 9.88
N ARG A 84 16.71 11.06 9.26
CA ARG A 84 17.33 12.36 9.52
C ARG A 84 17.02 12.86 10.94
N ILE A 85 15.77 12.69 11.36
CA ILE A 85 15.34 13.13 12.68
C ILE A 85 16.00 12.28 13.77
N GLY A 86 16.26 11.02 13.44
CA GLY A 86 16.96 10.13 14.36
C GLY A 86 18.38 10.60 14.63
N ALA A 87 18.99 11.18 13.62
CA ALA A 87 20.37 11.65 13.73
C ALA A 87 20.42 13.10 14.22
N ARG A 88 19.31 13.58 14.76
CA ARG A 88 19.20 14.96 15.27
C ARG A 88 19.54 15.99 14.20
N ASP A 89 19.27 15.65 12.94
CA ASP A 89 19.58 16.53 11.82
C ASP A 89 18.33 17.23 11.29
N LYS A 90 18.00 18.36 11.91
CA LYS A 90 16.85 19.16 11.51
C LYS A 90 17.04 19.74 10.12
N GLU A 91 18.23 20.30 9.87
CA GLU A 91 18.53 20.95 8.60
C GLU A 91 18.41 19.99 7.43
N GLY A 92 18.68 18.72 7.69
CA GLY A 92 18.51 17.68 6.69
C GLY A 92 17.05 17.25 6.59
N ALA A 93 16.41 17.10 7.74
CA ALA A 93 15.02 16.68 7.80
C ALA A 93 14.10 17.69 7.15
N ASP A 94 14.34 18.97 7.44
CA ASP A 94 13.56 20.05 6.84
C ASP A 94 13.73 20.04 5.31
N ASN A 95 14.92 19.66 4.86
CA ASN A 95 15.29 19.74 3.44
C ASN A 95 14.84 18.52 2.63
N VAL A 96 14.49 17.43 3.30
CA VAL A 96 13.90 16.27 2.65
C VAL A 96 12.42 16.54 2.38
N ALA A 97 11.77 17.26 3.30
CA ALA A 97 10.38 17.62 3.16
C ALA A 97 10.15 18.46 1.92
N VAL A 98 11.04 19.42 1.67
CA VAL A 98 10.92 20.28 0.51
C VAL A 98 11.26 19.51 -0.76
N HIS A 99 12.28 18.66 -0.68
CA HIS A 99 12.71 17.86 -1.81
C HIS A 99 11.63 16.92 -2.32
N SER A 100 10.85 16.39 -1.39
CA SER A 100 9.79 15.46 -1.76
C SER A 100 8.59 16.21 -2.33
N LEU A 101 8.39 17.45 -1.89
CA LEU A 101 7.28 18.26 -2.38
C LEU A 101 7.48 18.66 -3.84
N ILE A 102 8.73 18.88 -4.23
CA ILE A 102 9.05 19.19 -5.61
C ILE A 102 8.96 17.92 -6.46
N LEU A 103 9.40 16.80 -5.89
CA LEU A 103 9.30 15.52 -6.56
C LEU A 103 7.85 15.12 -6.79
N SER A 104 6.97 15.53 -5.87
CA SER A 104 5.55 15.23 -6.00
C SER A 104 4.98 15.97 -7.20
N LEU A 105 5.48 17.18 -7.43
CA LEU A 105 5.04 18.00 -8.55
C LEU A 105 5.55 17.40 -9.86
N ILE A 106 6.82 17.03 -9.87
CA ILE A 106 7.43 16.42 -11.03
C ILE A 106 6.80 15.08 -11.36
N LEU A 107 6.82 14.15 -10.41
CA LEU A 107 6.23 12.82 -10.63
C LEU A 107 4.75 12.90 -10.95
N GLY A 108 4.03 13.71 -10.19
CA GLY A 108 2.59 13.80 -10.33
C GLY A 108 2.11 14.29 -11.68
N VAL A 109 2.50 15.51 -12.04
CA VAL A 109 2.05 16.13 -13.29
C VAL A 109 2.54 15.34 -14.51
N THR A 110 3.75 14.83 -14.44
CA THR A 110 4.29 13.98 -15.52
C THR A 110 3.38 12.79 -15.79
N ILE A 111 2.88 12.16 -14.73
CA ILE A 111 1.93 11.06 -14.86
C ILE A 111 0.71 11.52 -15.66
N THR A 112 0.28 12.76 -15.44
CA THR A 112 -0.87 13.28 -16.15
C THR A 112 -0.57 13.50 -17.61
N ILE A 113 0.50 14.22 -17.90
CA ILE A 113 0.81 14.62 -19.27
C ILE A 113 1.38 13.48 -20.11
N THR A 114 1.84 12.42 -19.46
CA THR A 114 2.35 11.26 -20.19
C THR A 114 1.22 10.30 -20.53
N MET A 115 0.31 10.10 -19.58
CA MET A 115 -0.72 9.08 -19.74
C MET A 115 -1.93 9.55 -20.53
N LEU A 116 -2.31 10.82 -20.35
CA LEU A 116 -3.46 11.39 -21.04
C LEU A 116 -3.49 11.16 -22.56
N PRO A 117 -2.39 11.48 -23.27
CA PRO A 117 -2.46 11.24 -24.72
C PRO A 117 -2.28 9.77 -25.09
N ALA A 118 -1.99 8.92 -24.09
CA ALA A 118 -1.73 7.51 -24.35
C ALA A 118 -2.86 6.64 -23.83
N ILE A 119 -3.86 7.29 -23.23
CA ILE A 119 -4.94 6.55 -22.58
C ILE A 119 -5.97 6.04 -23.59
N ASP A 120 -6.03 6.67 -24.76
CA ASP A 120 -7.01 6.29 -25.77
C ASP A 120 -6.48 5.17 -26.66
N SER A 121 -5.16 4.95 -26.62
CA SER A 121 -4.55 3.86 -27.37
C SER A 121 -4.43 2.62 -26.50
N LEU A 122 -4.39 2.84 -25.19
CA LEU A 122 -4.32 1.75 -24.22
C LEU A 122 -5.51 0.82 -24.35
N PHE A 123 -6.69 1.41 -24.50
CA PHE A 123 -7.93 0.64 -24.64
C PHE A 123 -7.96 -0.12 -25.96
N ARG A 124 -7.62 0.58 -27.05
CA ARG A 124 -7.61 -0.04 -28.37
C ARG A 124 -6.58 -1.16 -28.47
N SER A 125 -5.46 -1.01 -27.77
CA SER A 125 -4.43 -2.04 -27.73
C SER A 125 -4.95 -3.30 -27.05
N MET A 126 -5.76 -3.12 -26.02
CA MET A 126 -6.36 -4.23 -25.28
C MET A 126 -7.51 -4.85 -26.07
N GLY A 127 -7.99 -4.12 -27.08
CA GLY A 127 -9.04 -4.62 -27.95
C GLY A 127 -10.42 -4.06 -27.62
N ALA A 128 -10.46 -2.83 -27.13
CA ALA A 128 -11.72 -2.19 -26.78
C ALA A 128 -12.53 -1.84 -28.02
N LYS A 129 -13.86 -1.87 -27.88
CA LYS A 129 -14.75 -1.61 -29.01
C LYS A 129 -14.66 -0.16 -29.48
N GLY A 130 -14.97 0.78 -28.58
CA GLY A 130 -14.92 2.19 -28.91
C GLY A 130 -16.12 2.94 -28.37
N GLU A 131 -17.23 2.22 -28.21
CA GLU A 131 -18.45 2.79 -27.67
C GLU A 131 -18.82 2.11 -26.36
N ALA A 132 -18.55 0.81 -26.28
CA ALA A 132 -18.80 0.04 -25.08
C ALA A 132 -17.84 0.45 -23.97
N VAL A 133 -16.57 0.61 -24.34
CA VAL A 133 -15.54 1.02 -23.40
C VAL A 133 -15.14 2.48 -23.62
N GLU A 134 -16.11 3.29 -24.05
CA GLU A 134 -15.87 4.71 -24.24
C GLU A 134 -15.90 5.42 -22.89
N LEU A 135 -16.28 4.68 -21.85
CA LEU A 135 -16.30 5.19 -20.49
C LEU A 135 -14.91 5.04 -19.87
N ALA A 136 -14.15 4.07 -20.36
CA ALA A 136 -12.83 3.77 -19.85
C ALA A 136 -11.88 4.96 -19.98
N ILE A 137 -11.98 5.66 -21.11
CA ILE A 137 -11.18 6.86 -21.33
C ILE A 137 -11.72 8.01 -20.48
N GLU A 138 -13.04 8.04 -20.27
CA GLU A 138 -13.67 9.11 -19.52
C GLU A 138 -13.42 8.96 -18.02
N TYR A 139 -13.33 7.71 -17.57
CA TYR A 139 -13.05 7.42 -16.17
C TYR A 139 -11.59 7.72 -15.85
N ALA A 140 -10.70 7.32 -16.77
CA ALA A 140 -9.27 7.52 -16.56
C ALA A 140 -8.86 8.98 -16.75
N ARG A 141 -9.66 9.73 -17.51
CA ARG A 141 -9.41 11.15 -17.72
C ARG A 141 -9.57 11.95 -16.41
N VAL A 142 -10.60 11.61 -15.64
CA VAL A 142 -10.89 12.31 -14.40
C VAL A 142 -9.83 12.04 -13.34
N LEU A 143 -9.37 10.81 -13.26
CA LEU A 143 -8.39 10.41 -12.26
C LEU A 143 -7.03 11.01 -12.55
N LEU A 144 -6.59 10.93 -13.81
CA LEU A 144 -5.30 11.49 -14.21
C LEU A 144 -5.29 13.01 -14.06
N ALA A 145 -6.46 13.62 -14.03
CA ALA A 145 -6.58 15.06 -13.83
C ALA A 145 -6.23 15.47 -12.41
N GLY A 146 -6.08 14.47 -11.54
CA GLY A 146 -5.71 14.69 -10.15
C GLY A 146 -4.60 13.76 -9.73
N ALA A 147 -3.86 13.26 -10.71
CA ALA A 147 -2.74 12.35 -10.47
C ALA A 147 -1.63 13.03 -9.67
N PHE A 148 -1.60 14.36 -9.69
CA PHE A 148 -0.62 15.12 -8.91
C PHE A 148 -1.09 15.26 -7.47
N ILE A 149 -2.40 15.45 -7.32
CA ILE A 149 -3.02 15.55 -6.00
C ILE A 149 -2.82 14.24 -5.23
N ILE A 150 -2.94 13.13 -5.94
CA ILE A 150 -2.74 11.82 -5.32
C ILE A 150 -1.33 11.72 -4.75
N VAL A 151 -0.34 12.11 -5.56
CA VAL A 151 1.06 12.04 -5.15
C VAL A 151 1.35 13.05 -4.03
N PHE A 152 0.83 14.26 -4.19
CA PHE A 152 1.00 15.30 -3.19
C PHE A 152 0.41 14.89 -1.83
N ASN A 153 -0.73 14.20 -1.89
CA ASN A 153 -1.36 13.67 -0.69
C ASN A 153 -0.49 12.61 -0.02
N ASN A 154 0.02 11.68 -0.81
CA ASN A 154 0.92 10.64 -0.32
C ASN A 154 2.20 11.19 0.30
N VAL A 155 2.78 12.20 -0.35
CA VAL A 155 3.99 12.82 0.14
C VAL A 155 3.72 13.50 1.48
N GLY A 156 2.63 14.26 1.53
CA GLY A 156 2.22 14.91 2.75
C GLY A 156 2.00 13.90 3.87
N ASN A 157 1.46 12.74 3.50
CA ASN A 157 1.26 11.65 4.46
C ASN A 157 2.61 11.05 4.86
N GLY A 158 3.51 10.95 3.89
CA GLY A 158 4.84 10.44 4.14
C GLY A 158 5.67 11.37 5.01
N ILE A 159 5.47 12.68 4.82
CA ILE A 159 6.14 13.67 5.64
C ILE A 159 5.70 13.56 7.10
N LEU A 160 4.40 13.36 7.30
CA LEU A 160 3.85 13.30 8.65
C LEU A 160 4.25 12.04 9.41
N ARG A 161 4.08 10.88 8.80
CA ARG A 161 4.45 9.63 9.45
C ARG A 161 5.96 9.47 9.54
N GLY A 162 6.68 10.35 8.86
CA GLY A 162 8.14 10.35 8.91
C GLY A 162 8.66 11.10 10.12
N GLU A 163 7.77 11.77 10.84
CA GLU A 163 8.15 12.50 12.04
C GLU A 163 7.29 12.10 13.24
N GLY A 164 6.70 10.91 13.17
CA GLY A 164 5.90 10.37 14.25
C GLY A 164 4.49 10.94 14.34
N ASP A 165 4.11 11.70 13.32
CA ASP A 165 2.78 12.31 13.29
C ASP A 165 1.80 11.40 12.55
N ALA A 166 1.62 10.18 13.06
CA ALA A 166 0.73 9.22 12.43
C ALA A 166 -0.73 9.53 12.72
N ASN A 167 -0.98 10.36 13.73
CA ASN A 167 -2.33 10.73 14.10
C ASN A 167 -2.96 11.64 13.06
N ARG A 168 -2.22 12.68 12.66
CA ARG A 168 -2.70 13.61 11.65
C ARG A 168 -2.54 12.98 10.26
N ALA A 169 -1.69 11.95 10.17
CA ALA A 169 -1.60 11.14 8.96
C ALA A 169 -2.85 10.27 8.82
N MET A 170 -3.37 9.80 9.95
CA MET A 170 -4.60 9.02 9.98
C MET A 170 -5.78 9.89 9.55
N LEU A 171 -5.78 11.13 10.03
CA LEU A 171 -6.83 12.09 9.72
C LEU A 171 -6.99 12.23 8.21
N ALA A 172 -5.87 12.38 7.51
CA ALA A 172 -5.88 12.48 6.05
C ALA A 172 -6.51 11.24 5.39
N MET A 173 -6.17 10.06 5.90
CA MET A 173 -6.70 8.82 5.34
C MET A 173 -8.20 8.66 5.60
N VAL A 174 -8.67 9.22 6.71
CA VAL A 174 -10.08 9.12 7.08
C VAL A 174 -10.91 10.18 6.35
N LEU A 175 -10.42 11.42 6.35
CA LEU A 175 -11.08 12.52 5.66
C LEU A 175 -11.21 12.26 4.16
N GLY A 176 -10.20 11.62 3.57
CA GLY A 176 -10.21 11.30 2.16
C GLY A 176 -11.18 10.18 1.82
N SER A 177 -11.15 9.12 2.61
CA SER A 177 -12.02 7.97 2.40
C SER A 177 -13.45 8.28 2.79
N GLY A 178 -13.63 9.09 3.83
CA GLY A 178 -14.95 9.49 4.28
C GLY A 178 -15.70 10.33 3.27
N LEU A 179 -15.05 11.36 2.75
CA LEU A 179 -15.67 12.22 1.73
C LEU A 179 -15.96 11.40 0.47
N ASN A 180 -15.03 10.51 0.14
CA ASN A 180 -15.19 9.64 -1.03
C ASN A 180 -16.40 8.73 -0.84
N ILE A 181 -16.64 8.34 0.41
CA ILE A 181 -17.75 7.44 0.74
C ILE A 181 -19.10 8.13 0.63
N VAL A 182 -19.18 9.38 1.09
CA VAL A 182 -20.44 10.11 1.09
C VAL A 182 -20.77 10.70 -0.29
N LEU A 183 -19.74 10.98 -1.09
CA LEU A 183 -19.94 11.57 -2.41
C LEU A 183 -20.21 10.51 -3.46
N ASP A 184 -19.85 9.27 -3.16
CA ASP A 184 -20.04 8.15 -4.09
C ASP A 184 -21.50 7.89 -4.46
N PRO A 185 -22.40 7.77 -3.47
CA PRO A 185 -23.79 7.52 -3.88
C PRO A 185 -24.45 8.77 -4.46
N ILE A 186 -24.01 9.94 -4.01
CA ILE A 186 -24.58 11.20 -4.48
C ILE A 186 -24.22 11.45 -5.94
N PHE A 187 -22.95 11.25 -6.28
CA PHE A 187 -22.49 11.48 -7.65
C PHE A 187 -22.98 10.40 -8.61
N ILE A 188 -22.85 9.15 -8.20
CA ILE A 188 -23.23 8.02 -9.04
C ILE A 188 -24.74 7.96 -9.27
N TYR A 189 -25.50 7.92 -8.18
CA TYR A 189 -26.95 7.71 -8.29
C TYR A 189 -27.77 8.99 -8.27
N THR A 190 -27.64 9.77 -7.19
CA THR A 190 -28.45 10.97 -7.02
C THR A 190 -28.27 11.98 -8.15
N LEU A 191 -27.04 12.36 -8.43
CA LEU A 191 -26.76 13.28 -9.52
C LEU A 191 -26.83 12.58 -10.88
N GLY A 192 -26.80 11.24 -10.85
CA GLY A 192 -26.93 10.44 -12.05
C GLY A 192 -25.77 10.60 -13.03
N PHE A 193 -24.54 10.54 -12.52
CA PHE A 193 -23.36 10.65 -13.37
C PHE A 193 -22.84 9.28 -13.79
N GLY A 194 -23.28 8.25 -13.09
CA GLY A 194 -22.85 6.89 -13.39
C GLY A 194 -21.44 6.61 -12.91
N VAL A 195 -20.73 5.77 -13.65
CA VAL A 195 -19.39 5.34 -13.26
C VAL A 195 -18.41 6.51 -13.17
N VAL A 196 -18.59 7.51 -14.04
CA VAL A 196 -17.73 8.69 -14.05
C VAL A 196 -17.95 9.53 -12.79
N GLY A 197 -19.13 9.41 -12.19
CA GLY A 197 -19.42 10.07 -10.94
C GLY A 197 -18.56 9.55 -9.81
N ALA A 198 -18.20 8.28 -9.88
CA ALA A 198 -17.32 7.68 -8.88
C ALA A 198 -15.91 8.24 -9.03
N ALA A 199 -15.55 8.61 -10.26
CA ALA A 199 -14.25 9.23 -10.52
C ALA A 199 -14.23 10.66 -10.01
N TYR A 200 -15.32 11.39 -10.22
CA TYR A 200 -15.41 12.76 -9.73
C TYR A 200 -15.52 12.81 -8.21
N ALA A 201 -16.00 11.73 -7.61
CA ALA A 201 -16.11 11.63 -6.16
C ALA A 201 -14.71 11.44 -5.57
N THR A 202 -13.95 10.54 -6.17
CA THR A 202 -12.56 10.30 -5.76
C THR A 202 -11.71 11.53 -6.00
N LEU A 203 -11.96 12.22 -7.11
CA LEU A 203 -11.22 13.43 -7.46
C LEU A 203 -11.48 14.54 -6.44
N LEU A 204 -12.76 14.82 -6.21
CA LEU A 204 -13.17 15.91 -5.34
C LEU A 204 -12.74 15.68 -3.89
N SER A 205 -12.74 14.41 -3.47
CA SER A 205 -12.39 14.07 -2.10
C SER A 205 -10.90 14.29 -1.85
N MET A 206 -10.08 13.99 -2.85
CA MET A 206 -8.64 14.14 -2.73
C MET A 206 -8.24 15.62 -2.74
N VAL A 207 -9.00 16.44 -3.44
CA VAL A 207 -8.81 17.89 -3.43
C VAL A 207 -8.96 18.44 -2.01
N VAL A 208 -9.95 17.94 -1.29
CA VAL A 208 -10.20 18.39 0.09
C VAL A 208 -9.07 17.94 1.01
N THR A 209 -8.59 16.73 0.81
CA THR A 209 -7.49 16.19 1.61
C THR A 209 -6.25 17.05 1.43
N SER A 210 -5.97 17.41 0.18
CA SER A 210 -4.81 18.26 -0.13
C SER A 210 -4.99 19.63 0.50
N LEU A 211 -6.23 20.13 0.53
CA LEU A 211 -6.53 21.39 1.19
C LEU A 211 -6.18 21.32 2.67
N PHE A 212 -6.47 20.18 3.29
CA PHE A 212 -6.07 19.96 4.68
C PHE A 212 -4.56 19.83 4.80
N ILE A 213 -3.98 19.03 3.91
CA ILE A 213 -2.54 18.80 3.90
C ILE A 213 -1.77 20.10 3.68
N ALA A 214 -2.22 20.89 2.72
CA ALA A 214 -1.60 22.17 2.43
C ALA A 214 -1.77 23.11 3.62
N TYR A 215 -2.97 23.16 4.19
CA TYR A 215 -3.21 23.99 5.36
C TYR A 215 -2.29 23.63 6.51
N TRP A 216 -1.99 22.35 6.64
CA TRP A 216 -1.15 21.86 7.73
C TRP A 216 0.30 22.31 7.62
N LEU A 217 0.93 22.04 6.49
CA LEU A 217 2.36 22.28 6.34
C LEU A 217 2.73 23.47 5.44
N PHE A 218 1.74 24.28 5.10
CA PHE A 218 1.99 25.52 4.35
C PHE A 218 1.39 26.72 5.06
N VAL A 219 0.25 26.51 5.71
CA VAL A 219 -0.47 27.60 6.37
C VAL A 219 -0.26 27.60 7.88
N LYS A 220 -0.66 26.51 8.52
CA LYS A 220 -0.51 26.39 9.97
C LYS A 220 0.95 26.18 10.35
N ARG A 221 1.62 25.32 9.59
CA ARG A 221 3.04 25.04 9.80
C ARG A 221 3.34 24.58 11.22
N ASP A 222 2.38 23.85 11.81
CA ASP A 222 2.54 23.33 13.16
C ASP A 222 3.21 21.95 13.13
N THR A 223 3.88 21.65 12.03
CA THR A 223 4.63 20.41 11.90
C THR A 223 6.06 20.62 12.39
N TYR A 224 6.74 19.53 12.70
CA TYR A 224 8.09 19.58 13.24
C TYR A 224 9.07 20.20 12.26
N VAL A 225 9.02 19.75 11.01
CA VAL A 225 9.93 20.23 9.98
C VAL A 225 9.55 21.62 9.48
N ASP A 226 10.53 22.36 8.97
CA ASP A 226 10.31 23.67 8.39
C ASP A 226 10.38 23.58 6.87
N ILE A 227 9.30 23.98 6.22
CA ILE A 227 9.22 23.92 4.76
C ILE A 227 9.34 25.31 4.15
N THR A 228 10.46 25.57 3.47
CA THR A 228 10.66 26.86 2.80
C THR A 228 11.70 26.77 1.67
N LEU A 229 11.68 27.75 0.78
CA LEU A 229 12.56 27.79 -0.38
C LEU A 229 13.62 28.89 -0.28
N ARG A 230 13.53 29.70 0.76
CA ARG A 230 14.34 30.91 0.90
C ARG A 230 15.84 30.72 0.70
N ASP A 231 16.35 29.57 1.13
CA ASP A 231 17.75 29.23 0.93
C ASP A 231 17.87 27.80 0.42
N PHE A 232 17.03 27.46 -0.56
CA PHE A 232 16.93 26.08 -1.03
C PHE A 232 18.23 25.55 -1.60
N SER A 233 18.57 24.33 -1.19
CA SER A 233 19.80 23.68 -1.63
C SER A 233 19.50 22.33 -2.30
N PRO A 234 19.38 22.34 -3.64
CA PRO A 234 19.15 21.13 -4.43
C PRO A 234 20.22 20.08 -4.16
N SER A 235 19.83 19.00 -3.49
CA SER A 235 20.76 17.96 -3.06
C SER A 235 20.75 16.75 -3.99
N ARG A 236 21.93 16.32 -4.39
CA ARG A 236 22.07 15.11 -5.19
C ARG A 236 22.00 13.89 -4.29
N GLU A 237 22.13 14.09 -2.99
CA GLU A 237 22.16 12.99 -2.03
C GLU A 237 20.76 12.66 -1.52
N ILE A 238 19.99 13.69 -1.18
CA ILE A 238 18.60 13.52 -0.77
C ILE A 238 17.78 12.94 -1.92
N LEU A 239 18.12 13.33 -3.15
CA LEU A 239 17.43 12.79 -4.33
C LEU A 239 17.71 11.31 -4.50
N LYS A 240 18.96 10.91 -4.27
CA LYS A 240 19.32 9.51 -4.36
C LYS A 240 18.69 8.74 -3.20
N ASP A 241 18.54 9.41 -2.07
CA ASP A 241 18.00 8.79 -0.86
C ASP A 241 16.55 8.38 -1.04
N ILE A 242 15.71 9.34 -1.44
CA ILE A 242 14.29 9.09 -1.63
C ILE A 242 14.04 8.06 -2.73
N LEU A 243 14.82 8.09 -3.80
CA LEU A 243 14.64 7.17 -4.91
C LEU A 243 15.19 5.77 -4.61
N ARG A 244 16.15 5.69 -3.69
CA ARG A 244 16.76 4.40 -3.33
C ARG A 244 15.75 3.49 -2.66
N VAL A 245 14.77 4.11 -2.01
CA VAL A 245 13.69 3.38 -1.38
C VAL A 245 12.43 3.49 -2.24
N GLY A 246 12.15 4.68 -2.73
CA GLY A 246 10.95 4.95 -3.50
C GLY A 246 10.76 4.12 -4.77
N LEU A 247 11.75 4.16 -5.64
CA LEU A 247 11.69 3.42 -6.91
C LEU A 247 11.55 1.90 -6.74
N PRO A 248 12.33 1.28 -5.83
CA PRO A 248 12.09 -0.14 -5.63
C PRO A 248 10.77 -0.40 -4.90
N SER A 249 10.24 0.60 -4.21
CA SER A 249 8.97 0.45 -3.50
C SER A 249 7.82 0.40 -4.49
N SER A 250 7.93 1.20 -5.55
CA SER A 250 6.90 1.24 -6.58
C SER A 250 6.81 -0.11 -7.28
N LEU A 251 7.95 -0.65 -7.68
CA LEU A 251 8.01 -1.96 -8.32
C LEU A 251 7.48 -3.04 -7.38
N SER A 252 7.74 -2.90 -6.09
CA SER A 252 7.31 -3.90 -5.11
C SER A 252 5.80 -4.00 -5.02
N GLN A 253 5.14 -2.85 -4.87
CA GLN A 253 3.68 -2.78 -4.79
C GLN A 253 3.02 -3.29 -6.08
N LEU A 254 3.72 -3.16 -7.20
CA LEU A 254 3.23 -3.68 -8.47
C LEU A 254 3.41 -5.19 -8.54
N SER A 255 4.57 -5.67 -8.10
CA SER A 255 4.93 -7.08 -8.19
C SER A 255 3.99 -7.98 -7.38
N MET A 256 3.43 -7.44 -6.30
CA MET A 256 2.52 -8.21 -5.46
C MET A 256 1.21 -8.51 -6.20
N SER A 257 0.81 -7.61 -7.09
CA SER A 257 -0.43 -7.79 -7.84
C SER A 257 -0.16 -8.30 -9.25
N ILE A 258 1.06 -8.07 -9.73
CA ILE A 258 1.48 -8.56 -11.05
C ILE A 258 1.83 -10.05 -10.99
N ALA A 259 1.71 -10.62 -9.81
CA ALA A 259 1.93 -12.06 -9.62
C ALA A 259 0.61 -12.76 -9.37
N MET A 260 -0.36 -12.00 -8.86
CA MET A 260 -1.71 -12.52 -8.60
C MET A 260 -2.39 -12.88 -9.91
N PHE A 261 -1.95 -12.26 -11.00
CA PHE A 261 -2.44 -12.58 -12.32
C PHE A 261 -1.99 -13.98 -12.74
N PHE A 262 -0.73 -14.33 -12.44
CA PHE A 262 -0.18 -15.64 -12.78
C PHE A 262 -0.80 -16.73 -11.93
N LEU A 263 -1.22 -16.37 -10.73
CA LEU A 263 -1.88 -17.30 -9.83
C LEU A 263 -3.27 -17.64 -10.36
N ASN A 264 -3.93 -16.66 -10.97
CA ASN A 264 -5.22 -16.89 -11.60
C ASN A 264 -5.03 -17.69 -12.89
N SER A 265 -3.87 -17.54 -13.52
CA SER A 265 -3.56 -18.30 -14.73
C SER A 265 -3.38 -19.77 -14.41
N VAL A 266 -2.83 -20.05 -13.23
CA VAL A 266 -2.66 -21.42 -12.76
C VAL A 266 -3.99 -21.94 -12.22
N ALA A 267 -4.93 -21.03 -12.00
CA ALA A 267 -6.28 -21.40 -11.60
C ALA A 267 -7.16 -21.57 -12.83
N ILE A 268 -6.83 -20.84 -13.90
CA ILE A 268 -7.58 -20.95 -15.14
C ILE A 268 -7.17 -22.21 -15.90
N THR A 269 -5.98 -22.72 -15.59
CA THR A 269 -5.45 -23.90 -16.26
C THR A 269 -5.81 -25.17 -15.52
N ALA A 270 -6.28 -25.03 -14.28
CA ALA A 270 -6.65 -26.18 -13.47
C ALA A 270 -8.12 -26.12 -13.04
N GLY A 272 -10.85 -24.19 -14.20
CA GLY A 272 -10.85 -23.25 -15.33
C GLY A 272 -11.47 -21.93 -14.96
N GLU A 273 -12.67 -21.68 -15.47
CA GLU A 273 -13.40 -20.45 -15.15
C GLU A 273 -14.11 -20.58 -13.81
N ASN A 274 -14.60 -21.78 -13.52
CA ASN A 274 -15.23 -22.06 -12.23
C ASN A 274 -14.19 -22.09 -11.11
N GLY A 275 -12.95 -22.39 -11.47
CA GLY A 275 -11.85 -22.40 -10.52
C GLY A 275 -11.34 -21.01 -10.24
N VAL A 276 -11.35 -20.16 -11.26
CA VAL A 276 -10.90 -18.78 -11.13
C VAL A 276 -11.88 -17.98 -10.26
N ALA A 277 -13.16 -18.33 -10.33
CA ALA A 277 -14.17 -17.68 -9.51
C ALA A 277 -13.97 -18.02 -8.03
N VAL A 278 -13.49 -19.23 -7.78
CA VAL A 278 -13.20 -19.68 -6.43
C VAL A 278 -11.95 -19.02 -5.89
N PHE A 279 -10.90 -19.00 -6.71
CA PHE A 279 -9.62 -18.40 -6.33
C PHE A 279 -9.74 -16.90 -6.04
N THR A 280 -10.32 -16.16 -6.98
CA THR A 280 -10.42 -14.71 -6.85
C THR A 280 -11.15 -14.28 -5.59
N SER A 281 -12.26 -14.96 -5.29
CA SER A 281 -13.06 -14.62 -4.12
C SER A 281 -12.35 -14.99 -2.83
N ALA A 282 -11.76 -16.18 -2.80
CA ALA A 282 -11.02 -16.64 -1.62
C ALA A 282 -9.81 -15.77 -1.36
N TRP A 283 -9.18 -15.30 -2.44
CA TRP A 283 -8.00 -14.43 -2.35
C TRP A 283 -8.37 -13.08 -1.77
N ARG A 284 -9.49 -12.52 -2.24
CA ARG A 284 -9.94 -11.21 -1.79
C ARG A 284 -10.26 -11.21 -0.29
N ILE A 285 -10.82 -12.31 0.20
CA ILE A 285 -11.17 -12.42 1.62
C ILE A 285 -9.91 -12.53 2.48
N THR A 286 -9.01 -13.41 2.06
CA THR A 286 -7.78 -13.67 2.79
C THR A 286 -6.87 -12.46 2.81
N MET A 287 -6.83 -11.73 1.69
CA MET A 287 -5.93 -10.60 1.55
C MET A 287 -6.37 -9.41 2.40
N LEU A 288 -7.56 -9.50 2.98
CA LEU A 288 -8.07 -8.46 3.86
C LEU A 288 -7.25 -8.38 5.14
N GLY A 289 -6.65 -9.50 5.52
CA GLY A 289 -5.85 -9.58 6.73
C GLY A 289 -4.50 -8.91 6.57
N ILE A 290 -4.18 -8.46 5.35
CA ILE A 290 -2.91 -7.81 5.08
C ILE A 290 -2.94 -6.35 5.55
N VAL A 291 -4.14 -5.76 5.52
CA VAL A 291 -4.34 -4.37 5.92
C VAL A 291 -3.77 -4.01 7.32
N PRO A 292 -4.01 -4.86 8.34
CA PRO A 292 -3.33 -4.56 9.62
C PRO A 292 -1.81 -4.64 9.52
N ILE A 293 -1.32 -5.55 8.68
CA ILE A 293 0.13 -5.71 8.53
C ILE A 293 0.75 -4.46 7.91
N LEU A 294 0.06 -3.93 6.90
CA LEU A 294 0.54 -2.75 6.18
C LEU A 294 0.77 -1.56 7.11
N GLY A 295 -0.08 -1.42 8.11
CA GLY A 295 0.07 -0.36 9.10
C GLY A 295 1.31 -0.60 9.95
N MET A 296 1.51 -1.84 10.35
CA MET A 296 2.68 -2.22 11.14
C MET A 296 3.96 -2.00 10.34
N ALA A 297 3.88 -2.28 9.04
CA ALA A 297 5.01 -2.09 8.15
C ALA A 297 5.33 -0.62 7.98
N ALA A 298 4.29 0.20 7.93
CA ALA A 298 4.45 1.64 7.79
C ALA A 298 5.05 2.23 9.07
N ALA A 299 4.71 1.62 10.20
CA ALA A 299 5.21 2.05 11.50
C ALA A 299 6.61 1.53 11.73
N THR A 300 6.89 0.34 11.20
CA THR A 300 8.21 -0.28 11.34
C THR A 300 9.28 0.57 10.65
N THR A 301 8.96 1.03 9.45
CA THR A 301 9.89 1.84 8.65
C THR A 301 10.25 3.13 9.38
N SER A 302 9.25 3.74 9.99
CA SER A 302 9.43 5.02 10.68
C SER A 302 10.33 4.89 11.91
N VAL A 303 10.25 3.76 12.60
CA VAL A 303 10.96 3.59 13.86
C VAL A 303 12.35 2.96 13.69
N THR A 304 12.49 2.10 12.69
CA THR A 304 13.78 1.48 12.41
C THR A 304 14.67 2.48 11.67
N GLY A 305 14.04 3.51 11.12
CA GLY A 305 14.76 4.60 10.50
C GLY A 305 15.29 5.55 11.54
N ALA A 306 14.46 5.88 12.52
CA ALA A 306 14.89 6.75 13.61
C ALA A 306 15.98 6.08 14.43
N ALA A 307 15.89 4.77 14.58
CA ALA A 307 16.90 3.99 15.31
C ALA A 307 18.20 3.95 14.50
N TYR A 308 18.07 3.91 13.18
CA TYR A 308 19.24 3.93 12.30
C TYR A 308 19.86 5.32 12.33
N GLY A 309 19.02 6.31 12.58
CA GLY A 309 19.48 7.69 12.72
C GLY A 309 20.20 7.88 14.05
N GLU A 310 19.66 7.25 15.10
CA GLU A 310 20.28 7.31 16.41
C GLU A 310 21.46 6.35 16.52
N ARG A 311 21.67 5.57 15.46
CA ARG A 311 22.82 4.68 15.35
C ARG A 311 22.95 3.66 16.48
N ASN A 312 21.82 3.11 16.92
CA ASN A 312 21.85 1.99 17.86
C ASN A 312 21.00 0.81 17.38
N VAL A 313 21.65 -0.34 17.22
CA VAL A 313 21.01 -1.51 16.63
C VAL A 313 20.02 -2.16 17.58
N GLU A 314 20.27 -2.06 18.88
CA GLU A 314 19.41 -2.69 19.88
C GLU A 314 17.98 -2.14 19.84
N LYS A 315 17.85 -0.88 19.41
CA LYS A 315 16.54 -0.25 19.25
C LYS A 315 15.94 -0.65 17.92
N LEU A 316 16.80 -0.73 16.90
CA LEU A 316 16.38 -1.06 15.55
C LEU A 316 15.93 -2.52 15.51
N GLU A 317 16.58 -3.36 16.30
CA GLU A 317 16.25 -4.77 16.34
C GLU A 317 15.00 -5.01 17.17
N THR A 318 14.90 -4.31 18.28
CA THR A 318 13.73 -4.41 19.15
C THR A 318 12.43 -4.04 18.42
N ALA A 319 12.41 -2.88 17.78
CA ALA A 319 11.21 -2.41 17.10
C ALA A 319 10.81 -3.32 15.97
N TYR A 320 11.80 -3.80 15.24
CA TYR A 320 11.56 -4.69 14.11
C TYR A 320 11.12 -6.08 14.56
N LEU A 321 11.59 -6.52 15.72
CA LEU A 321 11.22 -7.83 16.25
C LEU A 321 9.89 -7.78 17.00
N TYR A 322 9.61 -6.63 17.61
CA TYR A 322 8.32 -6.39 18.27
C TYR A 322 7.24 -6.30 17.22
N ALA A 323 7.60 -5.79 16.05
CA ALA A 323 6.65 -5.61 14.96
C ALA A 323 6.13 -6.95 14.48
N ILE A 324 7.03 -7.93 14.39
CA ILE A 324 6.66 -9.27 13.97
C ILE A 324 5.72 -9.93 14.98
N LYS A 325 5.99 -9.71 16.26
CA LYS A 325 5.20 -10.30 17.35
C LYS A 325 3.74 -9.88 17.30
N ILE A 326 3.51 -8.57 17.23
CA ILE A 326 2.16 -8.03 17.19
C ILE A 326 1.45 -8.40 15.90
N ALA A 327 2.18 -8.36 14.79
CA ALA A 327 1.62 -8.73 13.51
C ALA A 327 1.35 -10.24 13.45
N PHE A 328 2.12 -11.02 14.20
CA PHE A 328 1.90 -12.46 14.29
C PHE A 328 0.63 -12.77 15.05
N MET A 329 0.44 -12.08 16.17
CA MET A 329 -0.70 -12.32 17.05
C MET A 329 -1.97 -11.67 16.51
N ILE A 330 -1.81 -10.73 15.58
CA ILE A 330 -2.95 -10.13 14.90
C ILE A 330 -3.48 -11.09 13.84
N GLU A 331 -2.56 -11.70 13.10
CA GLU A 331 -2.95 -12.64 12.06
C GLU A 331 -3.43 -13.94 12.67
N LEU A 332 -2.93 -14.25 13.87
CA LEU A 332 -3.35 -15.46 14.59
C LEU A 332 -4.86 -15.43 14.84
N ALA A 333 -5.37 -14.26 15.23
CA ALA A 333 -6.79 -14.07 15.46
C ALA A 333 -7.57 -14.08 14.14
N VAL A 334 -7.02 -13.40 13.13
CA VAL A 334 -7.67 -13.28 11.83
C VAL A 334 -7.84 -14.64 11.15
N VAL A 335 -6.77 -15.43 11.13
CA VAL A 335 -6.83 -16.74 10.51
C VAL A 335 -7.86 -17.65 11.19
N ALA A 336 -7.87 -17.63 12.52
CA ALA A 336 -8.79 -18.45 13.30
C ALA A 336 -10.25 -18.11 13.01
N PHE A 337 -10.52 -16.81 12.89
CA PHE A 337 -11.86 -16.34 12.61
C PHE A 337 -12.34 -16.84 11.25
N ILE A 338 -11.51 -16.64 10.23
CA ILE A 338 -11.86 -17.05 8.87
C ILE A 338 -12.02 -18.57 8.75
N MET A 339 -11.20 -19.32 9.47
CA MET A 339 -11.29 -20.78 9.44
C MET A 339 -12.50 -21.31 10.20
N LEU A 340 -12.81 -20.68 11.32
CA LEU A 340 -13.94 -21.10 12.14
C LEU A 340 -15.27 -20.66 11.53
N PHE A 341 -15.36 -19.39 11.17
CA PHE A 341 -16.58 -18.85 10.59
C PHE A 341 -16.52 -18.84 9.07
N ALA A 342 -15.95 -19.90 8.51
CA ALA A 342 -15.80 -20.02 7.06
C ALA A 342 -17.12 -19.99 6.26
N PRO A 343 -18.14 -20.75 6.69
CA PRO A 343 -19.40 -20.66 5.93
C PRO A 343 -20.05 -19.29 6.05
N GLN A 344 -19.86 -18.63 7.19
CA GLN A 344 -20.42 -17.30 7.41
C GLN A 344 -19.73 -16.26 6.54
N VAL A 345 -18.41 -16.39 6.41
CA VAL A 345 -17.62 -15.48 5.58
C VAL A 345 -17.89 -15.72 4.10
N ALA A 346 -18.23 -16.96 3.76
CA ALA A 346 -18.51 -17.32 2.38
C ALA A 346 -19.84 -16.74 1.92
N TYR A 347 -20.82 -16.74 2.81
CA TYR A 347 -22.18 -16.28 2.49
C TYR A 347 -22.19 -14.81 2.03
N LEU A 348 -21.34 -14.00 2.65
CA LEU A 348 -21.31 -12.57 2.37
C LEU A 348 -20.58 -12.25 1.07
N PHE A 349 -19.72 -13.15 0.63
CA PHE A 349 -18.91 -12.93 -0.57
C PHE A 349 -19.29 -13.85 -1.72
N THR A 350 -20.39 -14.59 -1.56
CA THR A 350 -20.86 -15.47 -2.62
C THR A 350 -22.35 -15.28 -2.88
N TYR A 351 -22.92 -14.25 -2.24
CA TYR A 351 -24.35 -13.92 -2.37
C TYR A 351 -25.25 -15.11 -2.07
N ILE A 358 -20.57 -22.44 -5.92
CA ILE A 358 -19.17 -22.68 -5.62
C ILE A 358 -18.89 -22.52 -4.14
N LYS A 359 -19.95 -22.55 -3.33
CA LYS A 359 -19.83 -22.36 -1.89
C LYS A 359 -18.97 -23.42 -1.24
N GLY A 360 -19.06 -24.64 -1.74
CA GLY A 360 -18.31 -25.75 -1.18
C GLY A 360 -16.82 -25.66 -1.45
N ASP A 361 -16.47 -25.25 -2.66
CA ASP A 361 -15.07 -25.15 -3.06
C ASP A 361 -14.40 -23.96 -2.38
N LEU A 362 -15.20 -22.99 -1.97
CA LEU A 362 -14.69 -21.80 -1.28
C LEU A 362 -14.27 -22.15 0.14
N ILE A 363 -15.04 -23.01 0.78
CA ILE A 363 -14.75 -23.45 2.14
C ILE A 363 -13.47 -24.28 2.18
N SER A 364 -13.26 -25.07 1.13
CA SER A 364 -12.06 -25.88 0.99
C SER A 364 -10.82 -24.99 0.89
N ALA A 365 -11.01 -23.77 0.38
CA ALA A 365 -9.93 -22.81 0.28
C ALA A 365 -9.77 -22.03 1.59
N LEU A 366 -10.87 -21.49 2.08
CA LEU A 366 -10.86 -20.65 3.28
C LEU A 366 -10.54 -21.41 4.57
N ARG A 367 -10.22 -22.70 4.43
CA ARG A 367 -9.85 -23.52 5.59
C ARG A 367 -8.37 -23.88 5.53
N THR A 368 -7.78 -23.74 4.36
CA THR A 368 -6.37 -24.06 4.16
C THR A 368 -5.58 -22.85 3.69
N LEU A 369 -6.09 -22.16 2.68
CA LEU A 369 -5.43 -20.98 2.11
C LEU A 369 -5.05 -19.86 3.10
N PRO A 370 -5.99 -19.44 3.98
CA PRO A 370 -5.66 -18.30 4.85
C PRO A 370 -4.59 -18.59 5.90
N VAL A 371 -4.13 -19.84 5.99
CA VAL A 371 -3.14 -20.21 7.00
C VAL A 371 -1.78 -19.58 6.73
N PHE A 372 -1.56 -19.08 5.52
CA PHE A 372 -0.28 -18.48 5.17
C PHE A 372 -0.18 -17.03 5.66
N LEU A 373 -1.28 -16.52 6.20
CA LEU A 373 -1.32 -15.15 6.72
C LEU A 373 -0.50 -15.03 8.00
N VAL A 374 -0.36 -16.16 8.70
CA VAL A 374 0.41 -16.21 9.94
C VAL A 374 1.90 -16.07 9.66
N LEU A 375 2.36 -16.67 8.56
CA LEU A 375 3.78 -16.65 8.20
C LEU A 375 4.21 -15.31 7.61
N THR A 376 3.28 -14.61 6.99
CA THR A 376 3.55 -13.34 6.29
C THR A 376 4.37 -12.27 7.04
N PRO A 377 3.99 -11.95 8.30
CA PRO A 377 4.67 -10.85 9.02
C PRO A 377 6.20 -10.95 9.12
N PHE A 378 6.75 -12.16 9.00
CA PHE A 378 8.20 -12.33 9.09
C PHE A 378 8.93 -11.68 7.91
N GLY A 379 8.48 -11.99 6.70
CA GLY A 379 9.10 -11.45 5.51
C GLY A 379 8.65 -10.04 5.19
N MET A 380 7.63 -9.57 5.90
CA MET A 380 7.05 -8.26 5.64
C MET A 380 7.65 -7.17 6.51
N MET A 381 7.88 -7.48 7.79
CA MET A 381 8.51 -6.52 8.69
C MET A 381 9.98 -6.34 8.34
N THR A 382 10.58 -7.38 7.79
CA THR A 382 11.97 -7.33 7.33
C THR A 382 12.11 -6.36 6.17
N SER A 383 11.20 -6.46 5.20
CA SER A 383 11.17 -5.56 4.06
C SER A 383 10.87 -4.14 4.52
N ALA A 384 10.08 -4.02 5.58
CA ALA A 384 9.72 -2.74 6.16
C ALA A 384 10.94 -2.04 6.76
N MET A 385 11.72 -2.78 7.53
CA MET A 385 12.90 -2.22 8.18
C MET A 385 14.05 -2.10 7.17
N PHE A 386 13.99 -2.90 6.12
CA PHE A 386 14.93 -2.78 5.02
C PHE A 386 14.76 -1.41 4.37
N GLN A 387 13.51 -0.94 4.30
CA GLN A 387 13.24 0.39 3.79
C GLN A 387 13.52 1.43 4.87
N GLY A 388 13.45 1.00 6.12
CA GLY A 388 13.72 1.87 7.25
C GLY A 388 15.16 2.32 7.30
N ILE A 389 16.08 1.37 7.13
CA ILE A 389 17.51 1.69 7.13
C ILE A 389 17.92 2.36 5.81
N GLY A 390 17.09 2.24 4.78
CA GLY A 390 17.35 2.88 3.52
C GLY A 390 17.66 1.95 2.36
N GLU A 391 17.71 0.65 2.63
CA GLU A 391 18.03 -0.32 1.59
C GLU A 391 16.77 -0.91 0.97
N GLY A 392 16.14 -0.16 0.07
CA GLY A 392 14.92 -0.59 -0.57
C GLY A 392 15.13 -1.66 -1.63
N GLU A 393 16.34 -1.72 -2.18
CA GLU A 393 16.67 -2.69 -3.22
C GLU A 393 16.63 -4.12 -2.70
N LYS A 394 16.71 -4.27 -1.38
CA LYS A 394 16.64 -5.57 -0.74
C LYS A 394 15.20 -5.94 -0.38
N SER A 395 14.39 -4.92 -0.11
CA SER A 395 12.96 -5.12 0.16
C SER A 395 12.26 -5.49 -1.14
N LEU A 396 12.78 -5.00 -2.26
CA LEU A 396 12.25 -5.30 -3.59
C LEU A 396 12.54 -6.74 -3.97
N ILE A 397 13.80 -7.15 -3.82
CA ILE A 397 14.23 -8.48 -4.25
C ILE A 397 13.65 -9.57 -3.35
N LEU A 398 13.23 -9.18 -2.16
CA LEU A 398 12.60 -10.12 -1.24
C LEU A 398 11.13 -10.29 -1.62
N THR A 399 10.54 -9.24 -2.16
CA THR A 399 9.16 -9.27 -2.64
C THR A 399 9.08 -10.06 -3.93
N ILE A 400 10.05 -9.84 -4.82
CA ILE A 400 10.15 -10.61 -6.06
C ILE A 400 10.30 -12.09 -5.74
N PHE A 401 11.13 -12.39 -4.75
CA PHE A 401 11.37 -13.76 -4.32
C PHE A 401 10.12 -14.41 -3.73
N ARG A 402 9.36 -13.64 -2.94
CA ARG A 402 8.18 -14.15 -2.27
C ARG A 402 7.01 -14.44 -3.23
N THR A 403 6.48 -13.38 -3.84
CA THR A 403 5.27 -13.49 -4.63
C THR A 403 5.46 -14.10 -6.01
N LEU A 404 6.52 -13.69 -6.70
CA LEU A 404 6.71 -14.10 -8.08
C LEU A 404 7.52 -15.38 -8.24
N VAL A 405 8.48 -15.59 -7.34
CA VAL A 405 9.38 -16.75 -7.45
C VAL A 405 8.88 -17.96 -6.66
N MET A 406 8.44 -17.73 -5.42
CA MET A 406 8.02 -18.83 -4.56
C MET A 406 6.53 -19.10 -4.60
N GLN A 407 5.74 -18.05 -4.39
CA GLN A 407 4.29 -18.18 -4.36
C GLN A 407 3.74 -18.72 -5.67
N VAL A 408 4.24 -18.19 -6.78
CA VAL A 408 3.82 -18.63 -8.10
C VAL A 408 4.47 -19.96 -8.47
N GLY A 409 5.77 -20.06 -8.22
CA GLY A 409 6.54 -21.24 -8.57
C GLY A 409 6.05 -22.52 -7.93
N PHE A 410 5.62 -22.43 -6.66
CA PHE A 410 5.10 -23.60 -5.97
C PHE A 410 3.71 -23.97 -6.46
N ALA A 411 2.95 -22.97 -6.88
CA ALA A 411 1.59 -23.20 -7.38
C ALA A 411 1.62 -23.95 -8.70
N TYR A 412 2.68 -23.72 -9.47
CA TYR A 412 2.85 -24.39 -10.76
C TYR A 412 3.46 -25.78 -10.57
N ILE A 413 4.21 -25.94 -9.49
CA ILE A 413 4.85 -27.22 -9.18
C ILE A 413 3.84 -28.24 -8.67
N PHE A 414 2.74 -27.75 -8.11
CA PHE A 414 1.71 -28.62 -7.56
C PHE A 414 0.61 -28.87 -8.58
N VAL A 415 0.42 -27.92 -9.48
CA VAL A 415 -0.59 -28.06 -10.53
C VAL A 415 -0.14 -29.00 -11.64
N HIS A 416 1.18 -29.21 -11.75
CA HIS A 416 1.71 -30.08 -12.78
C HIS A 416 2.76 -31.04 -12.21
N GLY A 421 -5.22 -30.97 -7.30
CA GLY A 421 -5.82 -30.17 -8.35
C GLY A 421 -5.93 -28.70 -7.98
N LEU A 422 -7.12 -28.29 -7.56
CA LEU A 422 -7.34 -26.91 -7.14
C LEU A 422 -6.78 -26.70 -5.72
N ARG A 423 -6.67 -27.77 -4.96
CA ARG A 423 -6.10 -27.69 -3.62
C ARG A 423 -4.59 -27.46 -3.69
N GLY A 424 -4.00 -27.81 -4.83
CA GLY A 424 -2.58 -27.60 -5.06
C GLY A 424 -2.24 -26.13 -5.26
N VAL A 425 -3.27 -25.33 -5.52
CA VAL A 425 -3.10 -23.90 -5.67
C VAL A 425 -2.85 -23.24 -4.32
N TRP A 426 -3.68 -23.57 -3.34
CA TRP A 426 -3.51 -23.04 -2.00
C TRP A 426 -2.29 -23.68 -1.33
N ILE A 427 -2.03 -24.93 -1.68
CA ILE A 427 -0.90 -25.67 -1.14
C ILE A 427 0.42 -25.08 -1.62
N GLY A 428 0.41 -24.50 -2.82
CA GLY A 428 1.58 -23.86 -3.35
C GLY A 428 1.80 -22.49 -2.74
N ILE A 429 0.71 -21.74 -2.58
CA ILE A 429 0.78 -20.38 -2.04
C ILE A 429 1.26 -20.38 -0.59
N VAL A 430 0.74 -21.32 0.21
CA VAL A 430 1.11 -21.41 1.61
C VAL A 430 2.57 -21.81 1.79
N ILE A 431 2.96 -22.93 1.19
CA ILE A 431 4.32 -23.43 1.32
C ILE A 431 5.33 -22.45 0.72
N GLY A 432 4.96 -21.83 -0.38
CA GLY A 432 5.82 -20.86 -1.03
C GLY A 432 6.04 -19.64 -0.17
N ASN A 433 5.00 -19.25 0.57
CA ASN A 433 5.09 -18.09 1.46
C ASN A 433 5.69 -18.50 2.80
N MET A 434 5.68 -19.80 3.07
CA MET A 434 6.28 -20.34 4.28
C MET A 434 7.80 -20.30 4.16
N VAL A 435 8.32 -20.71 3.01
CA VAL A 435 9.74 -20.69 2.74
C VAL A 435 10.25 -19.25 2.69
N ALA A 436 9.51 -18.39 2.00
CA ALA A 436 9.89 -16.99 1.84
C ALA A 436 9.98 -16.26 3.19
N ALA A 437 9.13 -16.65 4.13
CA ALA A 437 9.16 -16.09 5.47
C ALA A 437 10.41 -16.55 6.20
N ILE A 438 10.83 -17.78 5.95
CA ILE A 438 12.03 -18.33 6.55
C ILE A 438 13.28 -17.68 5.97
N VAL A 439 13.27 -17.48 4.65
CA VAL A 439 14.37 -16.81 3.97
C VAL A 439 14.43 -15.33 4.37
N GLY A 440 13.26 -14.71 4.50
CA GLY A 440 13.19 -13.30 4.83
C GLY A 440 13.64 -12.96 6.24
N PHE A 441 13.24 -13.78 7.20
CA PHE A 441 13.58 -13.55 8.60
C PHE A 441 15.07 -13.72 8.86
N LEU A 442 15.67 -14.71 8.21
CA LEU A 442 17.10 -14.97 8.35
C LEU A 442 17.92 -13.85 7.72
N TRP A 443 17.48 -13.35 6.58
CA TRP A 443 18.19 -12.28 5.89
C TRP A 443 18.06 -10.98 6.67
N GLY A 444 16.93 -10.83 7.38
CA GLY A 444 16.73 -9.66 8.22
C GLY A 444 17.64 -9.71 9.42
N ARG A 445 17.84 -10.92 9.93
CA ARG A 445 18.73 -11.13 11.07
C ARG A 445 20.18 -10.86 10.71
N MET A 446 20.56 -11.22 9.49
CA MET A 446 21.93 -11.03 9.03
C MET A 446 22.30 -9.56 8.89
N ARG A 447 21.33 -8.74 8.51
CA ARG A 447 21.57 -7.31 8.37
C ARG A 447 21.75 -6.68 9.75
N ILE A 448 21.05 -7.21 10.74
CA ILE A 448 21.16 -6.72 12.12
C ILE A 448 22.55 -6.98 12.69
N SER A 449 23.03 -8.20 12.51
CA SER A 449 24.36 -8.57 12.99
C SER A 449 25.46 -7.81 12.24
N ALA A 450 25.18 -7.46 10.97
CA ALA A 450 26.11 -6.69 10.18
C ALA A 450 26.18 -5.25 10.66
N LEU A 451 25.06 -4.78 11.21
CA LEU A 451 25.00 -3.44 11.79
C LEU A 451 25.65 -3.41 13.17
N LYS A 452 25.47 -4.50 13.92
CA LYS A 452 26.08 -4.62 15.24
C LYS A 452 27.59 -4.73 15.13
N LYS A 453 28.08 -5.13 13.97
CA LYS A 453 29.52 -5.22 13.72
C LYS A 453 30.00 -3.98 12.95
N THR A 454 29.14 -2.96 12.89
CA THR A 454 29.47 -1.73 12.18
C THR A 454 29.37 -0.52 13.12
N VAL B 3 -5.53 4.98 -1.60
CA VAL B 3 -4.49 5.77 -2.25
C VAL B 3 -3.21 5.72 -1.43
N TYR B 4 -3.24 6.26 -0.22
CA TYR B 4 -2.12 6.21 0.71
C TYR B 4 -2.33 5.14 1.79
N SER B 5 -1.59 4.04 1.70
CA SER B 5 -0.62 3.82 0.65
C SER B 5 -0.70 2.38 0.15
N ALA B 6 0.36 1.93 -0.53
CA ALA B 6 0.47 0.56 -1.03
C ALA B 6 -0.66 0.15 -1.98
N VAL B 7 -0.69 -1.12 -2.34
CA VAL B 7 -1.67 -1.62 -3.31
C VAL B 7 -2.07 -3.08 -3.07
N CYS B 8 -3.27 -3.33 -2.51
CA CYS B 8 -4.26 -2.37 -1.96
C CYS B 8 -4.79 -1.28 -2.90
N ALA B 9 -5.82 -1.58 -3.68
CA ALA B 9 -6.60 -2.82 -3.58
C ALA B 9 -5.97 -3.93 -4.43
N ALA B 10 -6.10 -5.22 -4.07
CA ALA B 10 -6.81 -5.80 -2.89
C ALA B 10 -8.34 -5.67 -2.82
N ALA B 11 -8.96 -5.46 -3.98
CA ALA B 11 -10.42 -5.38 -4.12
C ALA B 11 -10.81 -5.17 -5.58
N ALA B 12 -11.26 -6.25 -6.23
CA ALA B 12 -11.62 -6.24 -7.65
C ALA B 12 -10.47 -5.75 -8.54
#